data_6Q99
#
_entry.id   6Q99
#
_cell.length_a   82.341
_cell.length_b   82.341
_cell.length_c   79.599
_cell.angle_alpha   90.00
_cell.angle_beta   90.00
_cell.angle_gamma   90.00
#
_symmetry.space_group_name_H-M   'P 4 21 2'
#
loop_
_entity.id
_entity.type
_entity.pdbx_description
1 polymer 'RNA polymerase'
2 non-polymer 'MANGANESE (III) ION'
3 non-polymer GLYCEROL
4 water water
#
_entity_poly.entity_id   1
_entity_poly.type   'polypeptide(L)'
_entity_poly.pdbx_seq_one_letter_code
;GPMEKYREIHQRVRDLAPGTVSALECIDLLDRLYAVRHDLVDQMIKHDWSDNKDVERPIGQVLLMAGIPNDIIQGMEKKI
IPNSPSGQVLKSFFRMTPDNYKITGNLIEFIEVTVTADVSRGIREAKIKYEGGLQFVEHLLETESRKGNIPQPYKITFSV
VAVKTDGSNISTQWPSRRNDGVIQHMRLVQADINYVREHLIK
;
_entity_poly.pdbx_strand_id   A
#
# COMPACT_ATOMS: atom_id res chain seq x y z
N GLY A 1 -9.19 -16.21 -5.36
CA GLY A 1 -8.07 -15.27 -5.41
C GLY A 1 -7.13 -15.47 -4.26
N PRO A 2 -6.73 -14.37 -3.61
CA PRO A 2 -5.92 -14.41 -2.39
C PRO A 2 -6.63 -15.20 -1.33
N MET A 3 -7.91 -15.43 -1.56
CA MET A 3 -8.64 -16.40 -0.79
C MET A 3 -8.04 -17.80 -0.92
N GLU A 4 -7.48 -18.11 -2.09
CA GLU A 4 -6.86 -19.41 -2.26
C GLU A 4 -5.69 -19.51 -1.31
N LYS A 5 -5.15 -18.36 -0.93
CA LYS A 5 -4.06 -18.28 0.03
C LYS A 5 -4.63 -18.47 1.43
N TYR A 6 -5.74 -17.78 1.74
CA TYR A 6 -6.48 -18.00 3.00
C TYR A 6 -6.92 -19.43 3.13
N ARG A 7 -7.25 -20.02 2.00
CA ARG A 7 -7.60 -21.41 1.97
C ARG A 7 -6.53 -22.23 2.70
N GLU A 8 -5.32 -22.21 2.14
CA GLU A 8 -4.19 -23.00 2.63
C GLU A 8 -3.86 -22.68 4.09
N ILE A 9 -4.46 -21.61 4.60
CA ILE A 9 -4.26 -21.18 5.97
C ILE A 9 -5.27 -21.75 6.95
N HIS A 10 -6.55 -21.45 6.74
CA HIS A 10 -7.61 -21.80 7.69
C HIS A 10 -7.58 -23.29 8.03
N GLN A 11 -6.94 -24.07 7.16
CA GLN A 11 -6.51 -25.40 7.50
C GLN A 11 -5.81 -25.33 8.83
N ARG A 12 -4.61 -24.73 8.80
CA ARG A 12 -3.63 -24.83 9.88
C ARG A 12 -4.10 -24.29 11.22
N VAL A 13 -5.20 -23.53 11.23
CA VAL A 13 -5.70 -22.97 12.48
C VAL A 13 -6.70 -23.85 13.19
N ARG A 14 -7.84 -24.15 12.56
CA ARG A 14 -8.95 -24.76 13.29
C ARG A 14 -8.53 -26.08 13.91
N ASP A 15 -7.38 -26.59 13.49
CA ASP A 15 -6.68 -27.64 14.23
C ASP A 15 -5.52 -27.01 14.99
N LEU A 16 -5.67 -26.85 16.30
CA LEU A 16 -4.67 -26.14 17.09
C LEU A 16 -4.66 -26.57 18.54
N ALA A 17 -3.51 -26.48 19.18
CA ALA A 17 -3.41 -26.77 20.59
C ALA A 17 -3.94 -25.54 21.35
N PRO A 18 -4.04 -25.61 22.69
CA PRO A 18 -4.65 -24.52 23.45
C PRO A 18 -3.97 -23.14 23.43
N GLY A 19 -2.72 -23.04 22.98
CA GLY A 19 -2.02 -21.78 23.08
C GLY A 19 -0.91 -21.88 24.10
N THR A 20 -0.95 -22.99 24.85
CA THR A 20 0.10 -23.33 25.81
C THR A 20 1.29 -23.92 25.03
N VAL A 21 1.10 -25.05 24.34
CA VAL A 21 2.07 -25.64 23.43
C VAL A 21 1.83 -25.07 22.04
N SER A 22 0.64 -25.30 21.52
CA SER A 22 0.12 -24.54 20.40
C SER A 22 0.99 -24.54 19.16
N ALA A 23 0.99 -23.36 18.55
CA ALA A 23 1.89 -23.00 17.49
C ALA A 23 2.72 -21.86 18.03
N LEU A 24 4.01 -22.09 18.26
CA LEU A 24 4.87 -21.08 18.87
C LEU A 24 4.74 -19.78 18.14
N GLU A 25 4.66 -19.86 16.83
CA GLU A 25 4.26 -18.71 16.07
C GLU A 25 2.89 -18.96 15.50
N CYS A 26 1.93 -18.33 16.15
CA CYS A 26 0.65 -18.12 15.57
C CYS A 26 0.87 -16.92 14.69
N ILE A 27 1.99 -16.28 14.97
CA ILE A 27 2.45 -15.11 14.26
C ILE A 27 2.56 -15.36 12.76
N ASP A 28 3.35 -16.37 12.40
CA ASP A 28 3.52 -16.72 10.99
C ASP A 28 2.16 -16.97 10.38
N LEU A 29 1.31 -17.63 11.14
CA LEU A 29 -0.06 -17.73 10.75
C LEU A 29 -0.63 -16.30 10.73
N LEU A 30 -0.54 -15.63 11.87
CA LEU A 30 -1.11 -14.31 12.02
C LEU A 30 -0.68 -13.40 10.90
N ASP A 31 0.62 -13.32 10.70
CA ASP A 31 1.11 -12.42 9.68
C ASP A 31 0.49 -12.79 8.36
N ARG A 32 0.36 -14.10 8.12
CA ARG A 32 -0.14 -14.58 6.83
C ARG A 32 -1.53 -14.04 6.58
N LEU A 33 -2.35 -14.06 7.62
CA LEU A 33 -3.72 -13.59 7.54
C LEU A 33 -3.79 -12.12 7.20
N TYR A 34 -2.86 -11.36 7.75
CA TYR A 34 -2.84 -9.94 7.51
C TYR A 34 -2.56 -9.67 6.06
N ALA A 35 -1.51 -10.31 5.55
CA ALA A 35 -1.15 -10.16 4.15
C ALA A 35 -2.39 -10.37 3.33
N VAL A 36 -3.07 -11.48 3.61
CA VAL A 36 -4.29 -11.78 2.91
C VAL A 36 -5.31 -10.71 3.16
N ARG A 37 -5.44 -10.32 4.42
CA ARG A 37 -6.39 -9.28 4.78
C ARG A 37 -6.14 -8.03 3.97
N HIS A 38 -4.87 -7.71 3.75
CA HIS A 38 -4.54 -6.54 2.96
C HIS A 38 -4.83 -6.78 1.49
N ASP A 39 -4.44 -7.95 1.01
CA ASP A 39 -4.54 -8.26 -0.40
C ASP A 39 -5.95 -8.26 -0.94
N LEU A 40 -6.94 -8.56 -0.12
CA LEU A 40 -8.30 -8.58 -0.62
C LEU A 40 -8.65 -7.18 -1.07
N VAL A 41 -8.26 -6.23 -0.25
CA VAL A 41 -8.66 -4.87 -0.49
C VAL A 41 -7.81 -4.26 -1.56
N ASP A 42 -6.60 -4.78 -1.68
CA ASP A 42 -5.69 -4.33 -2.70
C ASP A 42 -6.29 -4.71 -4.02
N GLN A 43 -6.60 -5.99 -4.13
CA GLN A 43 -7.14 -6.59 -5.34
C GLN A 43 -8.27 -5.73 -5.86
N MET A 44 -9.21 -5.38 -5.00
CA MET A 44 -10.35 -4.60 -5.44
C MET A 44 -9.86 -3.34 -6.11
N ILE A 45 -8.82 -2.74 -5.57
CA ILE A 45 -8.33 -1.52 -6.17
C ILE A 45 -7.72 -1.83 -7.52
N LYS A 46 -7.02 -2.96 -7.58
CA LYS A 46 -6.28 -3.31 -8.78
C LYS A 46 -7.22 -3.61 -9.92
N HIS A 47 -8.51 -3.66 -9.66
CA HIS A 47 -9.42 -3.95 -10.75
C HIS A 47 -10.06 -2.66 -11.20
N ASP A 48 -10.75 -2.00 -10.30
CA ASP A 48 -11.46 -0.79 -10.65
C ASP A 48 -10.57 0.33 -11.16
N TRP A 49 -9.29 0.29 -10.82
CA TRP A 49 -8.48 1.50 -11.01
C TRP A 49 -7.11 1.36 -11.62
N SER A 50 -6.23 0.66 -10.90
CA SER A 50 -4.80 0.82 -11.02
C SER A 50 -4.23 0.47 -12.37
N ASP A 51 -3.07 1.05 -12.67
CA ASP A 51 -2.29 0.68 -13.84
C ASP A 51 -1.53 -0.62 -13.60
N ASN A 52 -1.12 -0.89 -12.36
CA ASN A 52 -0.51 -2.18 -12.14
C ASN A 52 -1.56 -3.17 -11.66
N LYS A 53 -1.92 -4.08 -12.55
CA LYS A 53 -2.89 -5.12 -12.26
C LYS A 53 -2.13 -6.32 -11.74
N ASP A 54 -0.82 -6.25 -11.89
CA ASP A 54 0.07 -7.36 -11.62
C ASP A 54 0.43 -7.35 -10.16
N VAL A 55 1.34 -6.43 -9.87
CA VAL A 55 2.01 -6.29 -8.60
C VAL A 55 2.27 -4.82 -8.33
N GLU A 56 2.43 -4.46 -7.08
CA GLU A 56 3.01 -3.19 -6.73
C GLU A 56 4.37 -2.95 -7.48
N ARG A 57 4.60 -1.73 -8.00
CA ARG A 57 5.79 -1.41 -8.82
C ARG A 57 6.61 -0.25 -8.23
N PRO A 58 7.97 -0.32 -8.27
CA PRO A 58 8.86 0.69 -7.67
C PRO A 58 8.69 2.08 -8.24
N ILE A 59 9.04 3.07 -7.43
CA ILE A 59 8.74 4.46 -7.73
C ILE A 59 9.61 5.01 -8.84
N GLY A 60 10.79 4.43 -8.96
CA GLY A 60 11.68 4.80 -10.03
C GLY A 60 10.99 4.52 -11.34
N GLN A 61 10.59 3.28 -11.53
CA GLN A 61 9.96 2.85 -12.77
C GLN A 61 8.68 3.58 -13.03
N VAL A 62 8.01 4.00 -11.98
CA VAL A 62 6.83 4.78 -12.22
C VAL A 62 7.23 6.03 -12.93
N LEU A 63 8.32 6.63 -12.48
CA LEU A 63 8.71 7.90 -13.02
C LEU A 63 9.04 7.82 -14.48
N LEU A 64 9.98 6.95 -14.84
CA LEU A 64 10.30 6.75 -16.23
C LEU A 64 9.03 6.57 -17.00
N MET A 65 8.19 5.67 -16.51
CA MET A 65 6.95 5.39 -17.19
C MET A 65 6.07 6.63 -17.36
N ALA A 66 6.25 7.65 -16.54
CA ALA A 66 5.47 8.86 -16.74
C ALA A 66 6.22 9.81 -17.68
N GLY A 67 7.33 9.33 -18.21
CA GLY A 67 8.11 10.10 -19.15
C GLY A 67 8.91 11.20 -18.50
N ILE A 68 9.70 10.81 -17.53
CA ILE A 68 10.66 11.71 -16.94
C ILE A 68 12.05 11.16 -17.22
N PRO A 69 12.85 11.94 -17.96
CA PRO A 69 14.13 11.44 -18.49
C PRO A 69 15.03 10.87 -17.42
N ASN A 70 15.56 9.68 -17.66
CA ASN A 70 16.40 9.04 -16.68
C ASN A 70 17.54 9.91 -16.21
N ASP A 71 18.10 10.72 -17.11
CA ASP A 71 19.25 11.51 -16.73
C ASP A 71 18.83 12.54 -15.68
N ILE A 72 17.58 12.95 -15.76
CA ILE A 72 17.02 13.80 -14.74
C ILE A 72 16.74 12.98 -13.52
N ILE A 73 16.30 11.76 -13.73
CA ILE A 73 15.93 10.90 -12.61
C ILE A 73 17.16 10.47 -11.82
N GLN A 74 18.27 10.27 -12.51
CA GLN A 74 19.51 9.95 -11.83
C GLN A 74 20.07 11.23 -11.24
N GLY A 75 19.50 12.34 -11.65
CA GLY A 75 19.86 13.62 -11.10
C GLY A 75 19.56 13.57 -9.63
N MET A 76 18.32 13.27 -9.30
CA MET A 76 17.89 13.31 -7.91
C MET A 76 18.23 12.03 -7.17
N GLU A 77 18.88 11.09 -7.84
CA GLU A 77 19.18 9.85 -7.16
C GLU A 77 20.08 10.03 -5.95
N LYS A 78 20.89 11.07 -5.92
CA LYS A 78 21.84 11.21 -4.81
C LYS A 78 21.39 12.17 -3.72
N LYS A 79 20.28 12.87 -3.94
CA LYS A 79 19.83 13.90 -3.01
C LYS A 79 19.22 13.28 -1.79
N ILE A 80 18.59 14.08 -0.95
CA ILE A 80 18.12 13.59 0.34
C ILE A 80 16.82 14.25 0.73
N ILE A 81 15.91 13.49 1.29
CA ILE A 81 14.61 14.04 1.56
C ILE A 81 14.55 14.93 2.78
N PRO A 82 14.05 16.13 2.57
CA PRO A 82 13.72 17.13 3.58
C PRO A 82 12.92 16.58 4.73
N ASN A 83 13.24 17.02 5.95
CA ASN A 83 12.53 16.64 7.17
C ASN A 83 12.37 15.15 7.35
N SER A 84 13.27 14.39 6.75
CA SER A 84 13.28 12.95 6.87
C SER A 84 13.75 12.51 8.24
N PRO A 85 13.01 11.60 8.88
CA PRO A 85 13.55 10.99 10.07
C PRO A 85 14.85 10.28 9.77
N SER A 86 14.89 9.53 8.68
CA SER A 86 16.03 8.68 8.41
C SER A 86 17.05 9.37 7.55
N GLY A 87 16.68 10.52 7.00
CA GLY A 87 17.52 11.18 6.02
C GLY A 87 17.56 10.34 4.76
N GLN A 88 16.39 9.98 4.24
CA GLN A 88 16.36 9.05 3.13
C GLN A 88 16.92 9.67 1.88
N VAL A 89 17.67 8.88 1.14
CA VAL A 89 18.20 9.30 -0.13
C VAL A 89 17.23 8.91 -1.23
N LEU A 90 16.89 9.85 -2.10
CA LEU A 90 15.93 9.56 -3.15
C LEU A 90 16.27 8.30 -3.91
N LYS A 91 17.56 7.99 -3.99
CA LYS A 91 17.99 6.74 -4.59
C LYS A 91 17.21 5.62 -3.97
N SER A 92 17.26 5.52 -2.64
CA SER A 92 16.53 4.48 -1.95
C SER A 92 15.05 4.61 -2.12
N PHE A 93 14.57 5.81 -1.97
CA PHE A 93 13.15 6.07 -2.05
C PHE A 93 12.57 5.71 -3.42
N PHE A 94 13.42 5.42 -4.39
CA PHE A 94 12.93 4.99 -5.69
C PHE A 94 12.78 3.48 -5.74
N ARG A 95 13.33 2.80 -4.76
CA ARG A 95 13.18 1.34 -4.71
C ARG A 95 11.94 1.00 -3.89
N MET A 96 11.36 2.01 -3.27
CA MET A 96 10.14 1.90 -2.50
C MET A 96 9.03 1.31 -3.34
N THR A 97 8.15 0.53 -2.72
CA THR A 97 7.05 -0.10 -3.48
C THR A 97 5.70 0.12 -2.90
N PRO A 98 4.99 1.15 -3.36
CA PRO A 98 3.60 1.44 -3.02
C PRO A 98 2.73 0.40 -3.71
N ASP A 99 1.48 0.24 -3.29
CA ASP A 99 0.70 -0.87 -3.80
C ASP A 99 0.13 -0.64 -5.17
N ASN A 100 -0.39 0.57 -5.39
CA ASN A 100 -1.14 0.87 -6.61
C ASN A 100 -0.82 2.24 -7.18
N TYR A 101 -0.76 2.37 -8.52
CA TYR A 101 -0.55 3.68 -9.13
C TYR A 101 -1.33 3.88 -10.42
N LYS A 102 -1.54 5.13 -10.82
CA LYS A 102 -2.07 5.38 -12.15
C LYS A 102 -1.54 6.63 -12.82
N ILE A 103 -0.91 6.49 -13.98
CA ILE A 103 -0.56 7.69 -14.72
C ILE A 103 -1.70 8.13 -15.60
N THR A 104 -2.01 9.41 -15.60
CA THR A 104 -2.76 10.00 -16.69
C THR A 104 -2.11 11.27 -17.20
N GLY A 105 -1.50 11.18 -18.36
CA GLY A 105 -0.71 12.28 -18.86
C GLY A 105 0.37 12.71 -17.89
N ASN A 106 0.34 13.99 -17.54
CA ASN A 106 1.42 14.60 -16.80
C ASN A 106 1.20 14.45 -15.33
N LEU A 107 0.20 13.66 -14.98
CA LEU A 107 -0.15 13.41 -13.59
C LEU A 107 0.19 11.99 -13.18
N ILE A 108 0.64 11.81 -11.95
CA ILE A 108 0.88 10.46 -11.42
C ILE A 108 0.22 10.31 -10.06
N GLU A 109 -0.51 9.22 -9.82
CA GLU A 109 -1.16 9.04 -8.51
C GLU A 109 -0.85 7.70 -7.91
N PHE A 110 -0.62 7.67 -6.59
CA PHE A 110 -0.41 6.42 -5.87
C PHE A 110 -1.53 6.28 -4.91
N ILE A 111 -1.80 5.05 -4.54
CA ILE A 111 -2.77 4.76 -3.50
C ILE A 111 -2.24 3.70 -2.61
N GLU A 112 -2.24 3.94 -1.33
CA GLU A 112 -1.74 2.91 -0.49
C GLU A 112 -2.89 2.28 0.24
N VAL A 113 -3.00 0.98 0.08
CA VAL A 113 -3.98 0.25 0.83
C VAL A 113 -3.32 -0.18 2.11
N THR A 114 -3.96 0.14 3.21
CA THR A 114 -3.66 -0.47 4.48
C THR A 114 -4.96 -0.82 5.17
N VAL A 115 -4.92 -1.78 6.09
CA VAL A 115 -6.05 -2.05 6.97
C VAL A 115 -5.63 -2.33 8.42
N THR A 116 -6.08 -1.51 9.35
CA THR A 116 -5.95 -1.84 10.78
C THR A 116 -7.22 -1.44 11.49
N ALA A 117 -7.22 -1.56 12.81
CA ALA A 117 -8.31 -1.02 13.59
C ALA A 117 -8.11 0.48 13.76
N ASP A 118 -6.85 0.90 13.86
CA ASP A 118 -6.56 2.31 14.11
C ASP A 118 -6.39 3.00 12.76
N VAL A 119 -7.39 3.78 12.39
CA VAL A 119 -7.45 4.37 11.07
C VAL A 119 -6.37 5.39 10.85
N SER A 120 -6.36 6.41 11.70
CA SER A 120 -5.53 7.57 11.47
C SER A 120 -4.10 7.14 11.55
N ARG A 121 -3.81 6.17 12.40
CA ARG A 121 -2.45 5.71 12.55
C ARG A 121 -1.95 5.13 11.25
N GLY A 122 -2.65 4.13 10.73
CA GLY A 122 -2.30 3.56 9.44
C GLY A 122 -2.12 4.64 8.40
N ILE A 123 -3.08 5.54 8.31
CA ILE A 123 -2.95 6.74 7.52
C ILE A 123 -1.68 7.49 7.91
N ARG A 124 -1.51 7.75 9.20
CA ARG A 124 -0.31 8.43 9.65
C ARG A 124 0.93 7.63 9.29
N GLU A 125 0.91 6.34 9.57
CA GLU A 125 2.07 5.50 9.37
C GLU A 125 2.57 5.59 7.95
N ALA A 126 1.63 5.59 7.01
CA ALA A 126 1.98 5.53 5.59
C ALA A 126 2.36 6.87 5.00
N LYS A 127 1.59 7.90 5.33
CA LYS A 127 1.91 9.26 4.91
C LYS A 127 3.35 9.58 5.26
N ILE A 128 3.70 9.28 6.50
CA ILE A 128 5.03 9.48 7.01
C ILE A 128 6.05 8.82 6.10
N LYS A 129 5.65 7.70 5.50
CA LYS A 129 6.55 6.90 4.70
C LYS A 129 6.75 7.42 3.28
N TYR A 130 5.70 7.97 2.69
CA TYR A 130 5.71 8.31 1.28
C TYR A 130 5.53 9.80 1.03
N GLU A 131 4.42 10.34 1.51
CA GLU A 131 4.02 11.72 1.24
C GLU A 131 5.15 12.73 1.40
N GLY A 132 6.11 12.41 2.25
CA GLY A 132 7.21 13.32 2.46
C GLY A 132 8.02 13.46 1.20
N GLY A 133 8.49 12.33 0.69
CA GLY A 133 9.35 12.33 -0.48
C GLY A 133 8.61 12.37 -1.80
N LEU A 134 7.29 12.32 -1.76
CA LEU A 134 6.54 12.43 -2.98
C LEU A 134 6.35 13.87 -3.35
N GLN A 135 6.05 14.70 -2.37
CA GLN A 135 6.00 16.13 -2.58
C GLN A 135 7.31 16.63 -3.11
N PHE A 136 8.36 16.13 -2.48
CA PHE A 136 9.73 16.44 -2.85
C PHE A 136 9.92 16.32 -4.36
N VAL A 137 9.82 15.09 -4.85
CA VAL A 137 9.94 14.82 -6.26
C VAL A 137 9.06 15.74 -7.07
N GLU A 138 7.81 15.87 -6.66
CA GLU A 138 6.91 16.74 -7.39
C GLU A 138 7.52 18.11 -7.46
N HIS A 139 8.06 18.57 -6.35
CA HIS A 139 8.62 19.91 -6.28
C HIS A 139 9.90 20.01 -7.10
N LEU A 140 10.72 18.99 -7.01
CA LEU A 140 11.92 18.95 -7.79
C LEU A 140 11.64 18.77 -9.28
N LEU A 141 10.38 18.65 -9.63
CA LEU A 141 9.98 18.72 -11.02
C LEU A 141 9.67 20.15 -11.42
N GLU A 142 8.71 20.79 -10.77
CA GLU A 142 8.44 22.21 -11.03
C GLU A 142 9.73 23.02 -10.98
N THR A 143 10.60 22.68 -10.03
CA THR A 143 11.89 23.31 -9.95
C THR A 143 12.63 23.07 -11.27
N GLU A 144 12.53 21.87 -11.79
CA GLU A 144 13.17 21.55 -13.07
C GLU A 144 12.32 22.05 -14.23
N SER A 145 11.06 22.32 -13.94
CA SER A 145 10.17 22.91 -14.91
C SER A 145 10.46 24.38 -15.12
N ARG A 146 10.61 25.14 -14.04
CA ARG A 146 10.79 26.58 -14.14
C ARG A 146 12.14 26.90 -14.80
N LYS A 147 12.97 25.88 -14.98
CA LYS A 147 14.14 25.98 -15.82
C LYS A 147 13.89 25.43 -17.21
N GLY A 148 12.70 24.89 -17.41
CA GLY A 148 12.28 24.44 -18.73
C GLY A 148 12.88 23.15 -19.26
N ASN A 149 13.42 22.31 -18.38
CA ASN A 149 14.01 21.09 -18.86
C ASN A 149 12.97 19.99 -19.09
N ILE A 150 11.73 20.26 -18.69
CA ILE A 150 10.61 19.42 -19.09
C ILE A 150 9.61 20.27 -19.81
N PRO A 151 8.83 19.66 -20.69
CA PRO A 151 7.75 20.46 -21.24
C PRO A 151 6.77 20.88 -20.19
N GLN A 152 6.32 19.93 -19.38
CA GLN A 152 5.19 20.17 -18.51
C GLN A 152 5.56 19.73 -17.13
N PRO A 153 5.11 20.49 -16.11
CA PRO A 153 5.31 20.09 -14.72
C PRO A 153 4.32 19.01 -14.33
N TYR A 154 4.78 18.07 -13.52
CA TYR A 154 3.97 16.95 -13.12
C TYR A 154 3.27 17.14 -11.78
N LYS A 155 2.00 16.73 -11.71
CA LYS A 155 1.29 16.66 -10.44
C LYS A 155 1.37 15.24 -9.93
N ILE A 156 1.55 15.08 -8.62
CA ILE A 156 1.70 13.75 -8.05
C ILE A 156 0.80 13.60 -6.83
N THR A 157 0.24 12.42 -6.65
CA THR A 157 -0.82 12.23 -5.66
C THR A 157 -0.74 10.91 -4.91
N PHE A 158 -0.65 11.02 -3.60
CA PHE A 158 -0.61 9.87 -2.73
C PHE A 158 -1.82 9.91 -1.83
N SER A 159 -2.73 8.96 -1.98
CA SER A 159 -3.79 8.86 -1.02
C SER A 159 -3.73 7.51 -0.38
N VAL A 160 -4.11 7.47 0.88
CA VAL A 160 -4.19 6.20 1.56
C VAL A 160 -5.62 5.79 1.53
N VAL A 161 -5.86 4.56 1.14
CA VAL A 161 -7.19 4.01 1.27
C VAL A 161 -7.10 3.04 2.42
N ALA A 162 -7.71 3.40 3.54
CA ALA A 162 -7.60 2.57 4.72
C ALA A 162 -8.99 2.28 5.23
N VAL A 163 -9.24 1.02 5.60
CA VAL A 163 -10.59 0.57 5.88
C VAL A 163 -10.64 -0.02 7.26
N LYS A 164 -11.69 0.25 8.03
CA LYS A 164 -11.85 -0.39 9.33
C LYS A 164 -11.80 -1.89 9.13
N THR A 165 -11.24 -2.63 10.08
CA THR A 165 -11.18 -4.08 9.97
C THR A 165 -12.57 -4.69 9.70
N ASP A 166 -13.61 -4.01 10.17
CA ASP A 166 -14.97 -4.48 9.98
C ASP A 166 -15.45 -4.21 8.56
N GLY A 167 -15.03 -3.08 8.00
CA GLY A 167 -15.45 -2.70 6.67
C GLY A 167 -16.39 -1.51 6.58
N SER A 168 -16.89 -1.03 7.72
CA SER A 168 -17.95 -0.02 7.73
C SER A 168 -17.70 1.20 6.86
N ASN A 169 -16.45 1.64 6.77
CA ASN A 169 -16.16 2.87 6.03
C ASN A 169 -15.83 2.65 4.57
N ILE A 170 -15.73 1.39 4.16
CA ILE A 170 -15.44 1.09 2.77
C ILE A 170 -16.46 1.73 1.85
N SER A 171 -17.62 2.01 2.40
CA SER A 171 -18.58 2.88 1.77
C SER A 171 -17.86 4.11 1.33
N THR A 172 -17.30 4.80 2.32
CA THR A 172 -16.70 6.12 2.16
C THR A 172 -15.29 6.10 1.58
N GLN A 173 -14.55 5.03 1.81
CA GLN A 173 -13.19 4.94 1.33
C GLN A 173 -13.08 4.48 -0.10
N TRP A 174 -13.86 3.47 -0.46
CA TRP A 174 -13.84 2.98 -1.84
C TRP A 174 -15.14 2.41 -2.36
N PRO A 175 -16.11 3.26 -2.70
CA PRO A 175 -17.37 2.72 -3.23
C PRO A 175 -17.20 1.96 -4.56
N SER A 176 -17.64 0.70 -4.58
CA SER A 176 -17.50 -0.13 -5.76
C SER A 176 -18.48 -1.28 -5.74
N ARG A 177 -18.88 -1.77 -6.89
CA ARG A 177 -19.81 -2.88 -6.90
C ARG A 177 -19.08 -4.10 -6.39
N ARG A 178 -17.77 -3.98 -6.24
CA ARG A 178 -17.03 -5.07 -5.64
C ARG A 178 -17.06 -4.94 -4.15
N ASN A 179 -17.53 -3.81 -3.64
CA ASN A 179 -17.53 -3.60 -2.20
C ASN A 179 -18.09 -4.80 -1.47
N ASP A 180 -19.37 -5.05 -1.65
CA ASP A 180 -20.03 -6.03 -0.82
C ASP A 180 -19.34 -7.38 -0.93
N GLY A 181 -18.68 -7.64 -2.04
CA GLY A 181 -17.87 -8.83 -2.13
C GLY A 181 -16.76 -8.82 -1.08
N VAL A 182 -16.13 -7.66 -0.93
CA VAL A 182 -14.93 -7.54 -0.08
C VAL A 182 -15.23 -7.61 1.41
N ILE A 183 -16.18 -6.80 1.85
CA ILE A 183 -16.57 -6.75 3.25
C ILE A 183 -16.81 -8.10 3.88
N GLN A 184 -17.42 -8.97 3.08
CA GLN A 184 -17.80 -10.30 3.53
C GLN A 184 -16.61 -11.20 3.53
N HIS A 185 -15.76 -11.07 2.54
CA HIS A 185 -14.55 -11.83 2.53
C HIS A 185 -13.60 -11.46 3.67
N MET A 186 -13.73 -10.24 4.16
CA MET A 186 -12.92 -9.78 5.28
C MET A 186 -13.40 -10.40 6.56
N ARG A 187 -14.71 -10.31 6.77
CA ARG A 187 -15.37 -10.79 7.97
C ARG A 187 -14.89 -12.19 8.32
N LEU A 188 -14.75 -13.00 7.29
CA LEU A 188 -14.40 -14.39 7.42
C LEU A 188 -13.02 -14.56 8.03
N VAL A 189 -12.07 -13.81 7.51
CA VAL A 189 -10.70 -13.95 7.93
C VAL A 189 -10.55 -13.37 9.31
N GLN A 190 -11.25 -12.27 9.52
CA GLN A 190 -11.23 -11.58 10.79
C GLN A 190 -11.49 -12.54 11.91
N ALA A 191 -12.56 -13.31 11.78
CA ALA A 191 -12.89 -14.29 12.77
C ALA A 191 -11.71 -15.21 13.03
N ASP A 192 -10.94 -15.52 11.99
CA ASP A 192 -9.77 -16.35 12.19
C ASP A 192 -8.74 -15.60 13.01
N ILE A 193 -8.42 -14.40 12.56
CA ILE A 193 -7.53 -13.47 13.25
C ILE A 193 -7.82 -13.33 14.74
N ASN A 194 -8.99 -12.81 15.05
CA ASN A 194 -9.45 -12.70 16.42
C ASN A 194 -9.23 -13.98 17.19
N TYR A 195 -9.57 -15.12 16.56
CA TYR A 195 -9.48 -16.41 17.24
C TYR A 195 -8.08 -16.70 17.69
N VAL A 196 -7.12 -16.40 16.84
CA VAL A 196 -5.76 -16.70 17.15
C VAL A 196 -5.31 -15.75 18.24
N ARG A 197 -5.81 -14.53 18.18
CA ARG A 197 -5.53 -13.55 19.22
C ARG A 197 -6.13 -13.94 20.58
N GLU A 198 -7.36 -14.44 20.59
CA GLU A 198 -8.04 -14.77 21.85
C GLU A 198 -7.47 -16.04 22.48
N HIS A 199 -6.56 -16.70 21.77
CA HIS A 199 -5.97 -17.93 22.29
C HIS A 199 -4.66 -17.69 23.01
N LEU A 200 -4.34 -16.43 23.19
CA LEU A 200 -3.15 -16.07 23.93
C LEU A 200 -3.55 -15.50 25.29
N ILE A 201 -4.10 -14.30 25.25
CA ILE A 201 -4.54 -13.60 26.45
C ILE A 201 -5.74 -14.31 27.08
#